data_3J3P
#
_entry.id   3J3P
#
_cell.length_a   1.000
_cell.length_b   1.000
_cell.length_c   1.000
_cell.angle_alpha   90.00
_cell.angle_beta   90.00
_cell.angle_gamma   90.00
#
_symmetry.space_group_name_H-M   'P 1'
#
loop_
_entity.id
_entity.type
_entity.pdbx_description
1 polymer 'C3 antibody, light chain'
2 polymer 'C3 antibody, heavy chain'
3 polymer 'Protein VP1'
4 polymer 'Protein VP2'
5 polymer 'Protein VP3'
#
loop_
_entity_poly.entity_id
_entity_poly.type
_entity_poly.pdbx_seq_one_letter_code
_entity_poly.pdbx_strand_id
1 'polypeptide(L)'
;DVVMTQTPLSLPVSLGDQASISCSSSQSLVHSNGKTYLHWYLQKPGQSPKLLIYKVSNRFSGVPDRFSGSGSGTYFTLKI
SRVEAEDLGVYFCSQSTHVPYTFGGGTKLEIKRADAAPTVSIFPPSSEQLTSGGASVVCFLNNFYPKDINVKWKIDGSEV
QNGVLNSWTDQDSKDSTYSMSSTLTLTKDEYERHNSYTCEATHKTSTSPIVKSFNRNEC
;
L
2 'polypeptide(L)'
;QVQLQQSGAELVRPGTSVKVSCKASGYAFTNYLIQWIKQRPGQGLEWIGVINPGSGGTDYNANFKGKATLTADKSSSIVY
MQLSSLTSDDSAVYFCARDFYDYDVGFDYWGQGTTLTVSSAKTTAPSVYPLAPVCGDTTGSSVTLGCLVKGYFPEPVTLT
WNSGSLSSGVHTFPAVLQSDLYTLSSSVTVTSSTWPSQSITCNVAHPASSTKVDKKIEPR
;
H
3 'polypeptide(L)'
;GLGQMLESMIDNTVRETVGAATSRDALPNTEASGPTHSKEIPALTAVETGATNPLVPSDTVQTRHVVQHRSRSESSIESF
FARGACVTIMTVDNPASTTNKDKLFAVWKITYKDTVQLRRKLEFFTYSRFDMELTFVVTANFTETNNGHALNQVYQIMYV
PPGAPVPEKWDDYTWQTSSNPSIFYTYGTAPARISVPYVGISNAYSHFYDGFSKVPLKDQSAALGDSLYGAASLNDFGIL
AVRVVNDHNPTKVTSKIRVYLKPKHIRVWCPRPPRAVAYYGPGVDYKDGTLTPLSTKDLTTY
;
1
4 'polypeptide(L)'
;SPNIEACGYSDRVLQLTLGNSTITTQEAANSVVAYGRWPEYLRDSEANPVDQPTEPDVAACRFYTLDTVSWTKESRGWWW
KLPDALRDMGLFGQNMYYHYLGRSGYTVHVQCNASKFHQGALGVFAVPEMCLAGDSNTTTMHTSYQNANPGEKGGTFTGT
FTPDNNQTSPARRFCPVDYLLGNGTLLGNAFVFPHQIINLRTNNCATLVLPYVNSLSIDSMVKHNNWGIAILPLAPLNFA
SESSPEIPITLTIAPMCCEFNGLRNITLPRLQ
;
2
5 'polypeptide(L)'
;GLPVMNTPGSNQYLTADNFQSPCALPEFDVTPPIDIPGEVKNMMELAEIDTMIPFDLSATKKNTMEMYRVRLSDKPHTDD
PILCLSLSPASDPRLSHTMLGEILNYYTHWAGSLKFTFLFCGSMMATGKLLVSYAPPGADPPKKRKEAMLGTHVIWDIGL
QSSCTMVVPWISNTTYRQTIDDSFTEGGYISVFYQTRIVVPLSTPREMDILGFVSACNDFSVRLLRDTTHIEQKALAQ
;
3
#
# COMPACT_ATOMS: atom_id res chain seq x y z
CA ASP A 1 20.69 -10.54 0.30
CA VAL A 2 16.93 -10.38 0.55
CA VAL A 3 16.50 -11.88 3.94
CA MET A 4 13.55 -14.29 3.50
CA THR A 5 11.09 -15.00 6.34
CA GLN A 6 8.48 -17.62 6.97
CA THR A 7 5.90 -17.89 9.67
CA PRO A 8 4.82 -20.21 11.17
CA LEU A 9 7.78 -22.45 11.98
CA SER A 10 5.22 -25.19 12.36
CA LEU A 11 1.56 -25.35 11.55
CA PRO A 12 -0.70 -27.88 13.24
CA VAL A 13 -3.76 -28.12 10.86
CA SER A 14 -6.82 -30.49 10.59
CA LEU A 15 -8.04 -32.49 7.40
CA GLY A 16 -10.64 -30.32 5.60
CA ASP A 17 -9.74 -26.97 7.35
CA GLN A 18 -7.95 -23.87 5.86
CA ALA A 19 -4.22 -23.33 6.20
CA SER A 20 -2.25 -20.20 5.47
CA ILE A 21 1.56 -19.98 5.34
CA SER A 22 3.17 -16.53 5.29
CA CYS A 23 6.42 -15.14 3.84
CA SER A 24 7.94 -11.73 3.97
CA SER A 25 11.11 -10.24 2.53
CA SER A 26 13.67 -7.59 3.43
CA GLN A 27 13.75 -6.08 -0.06
CA SER A 28 11.05 -5.39 -2.56
CA LEU A 29 10.82 -8.52 -4.48
CA VAL A 30 9.42 -6.71 -7.67
CA HIS A 31 12.29 -6.67 -10.24
CA SER A 32 12.50 -3.55 -12.52
CA ASN A 33 10.81 -5.35 -15.49
CA GLY A 34 7.68 -5.38 -13.47
CA LYS A 35 7.50 -9.02 -12.29
CA THR A 36 7.36 -10.19 -8.57
CA TYR A 37 9.36 -13.42 -8.70
CA LEU A 38 8.47 -15.20 -5.48
CA HIS A 39 7.97 -18.96 -5.85
CA TRP A 40 6.54 -21.52 -3.45
CA TYR A 41 7.87 -25.07 -3.15
CA LEU A 42 6.78 -28.34 -1.30
CA GLN A 43 9.31 -30.87 0.16
CA LYS A 44 7.45 -33.92 1.28
CA PRO A 45 9.47 -35.87 3.90
CA GLY A 46 12.25 -37.65 2.11
CA GLN A 47 11.34 -36.61 -1.48
CA SER A 48 13.11 -33.57 -3.21
CA PRO A 49 11.31 -30.18 -3.36
CA LYS A 50 8.64 -29.74 -6.03
CA LEU A 51 7.33 -26.34 -7.43
CA LEU A 52 3.77 -25.33 -6.28
CA ILE A 53 3.14 -21.73 -7.41
CA TYR A 54 5.53 -19.94 -9.72
CA LYS A 55 5.38 -16.19 -10.27
CA VAL A 56 3.30 -15.23 -7.12
CA SER A 57 -0.15 -16.46 -7.89
CA ASN A 58 0.06 -18.85 -10.92
CA ARG A 59 0.15 -22.61 -10.20
CA PHE A 60 2.51 -25.15 -11.70
CA SER A 61 0.98 -27.99 -13.69
CA GLY A 62 -1.26 -30.59 -12.16
CA VAL A 63 -1.60 -28.61 -8.95
CA PRO A 64 -5.00 -28.74 -7.15
CA ASP A 65 -7.06 -25.48 -7.10
CA ARG A 66 -6.94 -25.78 -3.29
CA PHE A 67 -3.47 -24.18 -3.43
CA SER A 68 -3.22 -20.44 -4.07
CA GLY A 69 -0.52 -17.97 -3.86
CA SER A 70 -1.01 -14.29 -3.33
CA GLY A 71 0.77 -11.22 -2.23
CA SER A 72 2.59 -8.01 -3.11
CA GLY A 73 6.05 -6.50 -3.10
CA THR A 74 7.30 -7.78 0.26
CA TYR A 75 4.37 -9.69 1.57
CA PHE A 76 3.17 -12.95 0.18
CA THR A 77 0.92 -15.55 1.79
CA LEU A 78 0.14 -19.20 0.52
CA LYS A 79 -3.24 -20.93 1.08
CA ILE A 80 -4.53 -24.41 1.31
CA SER A 81 -8.30 -24.48 1.20
CA ARG A 82 -9.10 -27.90 2.69
CA VAL A 83 -6.20 -29.63 3.86
CA GLU A 84 -5.56 -33.13 2.86
CA ALA A 85 -3.21 -35.89 4.04
CA GLU A 86 -1.00 -35.43 0.89
CA ASP A 87 -0.04 -31.96 1.97
CA LEU A 88 2.31 -33.12 4.65
CA GLY A 89 5.63 -31.45 4.25
CA VAL A 90 7.74 -28.39 4.64
CA TYR A 91 6.78 -25.42 2.41
CA PHE A 92 9.60 -23.19 1.06
CA CYS A 93 9.16 -19.72 -0.31
CA SER A 94 12.06 -18.41 -2.51
CA GLN A 95 12.92 -15.33 -4.55
CA SER A 96 14.71 -15.28 -7.89
CA THR A 97 14.48 -11.56 -8.55
CA HIS A 98 17.77 -10.84 -6.80
CA VAL A 99 21.05 -12.93 -6.94
CA PRO A 100 21.76 -14.71 -4.52
CA TYR A 101 18.56 -16.49 -4.83
CA THR A 102 17.41 -17.07 -1.36
CA PHE A 103 14.94 -19.47 0.22
CA GLY A 104 12.69 -19.20 3.23
CA GLY A 105 13.02 -21.14 6.46
CA GLY A 106 10.17 -23.50 5.81
CA THR A 107 6.92 -24.10 7.57
CA LYS A 108 6.21 -27.67 8.70
CA LEU A 109 2.58 -28.49 7.89
CA GLU A 110 1.46 -31.05 10.60
CA ILE A 111 -1.97 -32.88 10.09
CA LYS A 112 -4.08 -32.73 13.31
CA ARG A 113 -6.08 -35.82 14.16
CA ALA A 114 -7.14 -35.43 17.78
CA ASP A 115 -4.83 -35.13 20.82
CA ALA A 116 -3.24 -37.91 23.01
CA ALA A 117 -0.65 -38.44 25.82
CA PRO A 118 2.55 -40.40 25.84
CA THR A 119 3.31 -43.94 27.00
CA VAL A 120 6.56 -43.41 28.63
CA SER A 121 8.57 -46.60 29.31
CA ILE A 122 11.91 -46.56 31.04
CA PHE A 123 14.44 -49.22 30.18
CA PRO A 124 17.46 -50.05 32.31
CA PRO A 125 20.75 -50.97 30.61
CA SER A 126 20.78 -54.57 29.52
CA SER A 127 23.31 -56.98 30.84
CA GLU A 128 25.00 -57.49 27.50
CA GLN A 129 25.86 -53.74 27.42
CA LEU A 130 26.96 -53.30 31.07
CA THR A 131 29.45 -56.14 30.38
CA SER A 132 31.05 -53.87 27.69
CA GLY A 133 32.30 -50.80 29.48
CA GLY A 134 29.27 -48.59 28.95
CA ALA A 135 25.73 -48.53 29.92
CA SER A 136 22.71 -46.78 28.28
CA VAL A 137 19.38 -45.87 29.92
CA VAL A 138 16.81 -46.15 26.98
CA CYS A 139 13.38 -44.37 27.06
CA PHE A 140 10.36 -44.67 24.61
CA LEU A 141 7.67 -41.84 24.78
CA ASN A 142 4.89 -43.47 22.63
CA ASN A 143 1.78 -42.87 20.61
CA PHE A 144 1.44 -39.18 21.39
CA TYR A 145 -0.25 -36.17 19.74
CA PRO A 146 0.57 -33.21 19.13
CA LYS A 147 4.29 -33.49 18.21
CA ASP A 148 5.64 -30.74 20.48
CA ILE A 149 6.70 -32.87 23.42
CA ASN A 150 9.59 -32.07 25.79
CA VAL A 151 12.01 -34.51 27.44
CA LYS A 152 14.20 -33.84 30.38
CA TRP A 153 16.28 -36.66 31.98
CA LYS A 154 17.16 -36.45 35.62
CA ILE A 155 19.77 -38.70 37.20
CA ASP A 156 19.17 -39.07 41.01
CA GLY A 157 16.93 -35.98 41.28
CA SER A 158 19.06 -33.72 39.03
CA GLU A 159 18.87 -32.60 35.35
CA VAL A 160 21.36 -34.27 32.92
CA GLN A 161 22.37 -32.52 29.82
CA ASN A 162 24.76 -34.95 28.05
CA GLY A 163 24.95 -37.84 25.66
CA VAL A 164 21.18 -37.33 25.47
CA LEU A 165 19.98 -38.54 22.05
CA ASN A 166 16.46 -37.99 20.79
CA SER A 167 14.84 -39.72 17.76
CA TRP A 168 11.36 -38.57 16.50
CA THR A 169 8.83 -40.54 14.39
CA ASP A 170 6.63 -39.41 11.68
CA GLN A 171 2.89 -39.13 12.10
CA ASP A 172 1.39 -42.51 12.11
CA SER A 173 -0.56 -43.81 9.16
CA LYS A 174 -3.23 -45.91 10.82
CA ASP A 175 -3.69 -43.74 13.93
CA SER A 176 -2.20 -40.30 13.24
CA THR A 177 0.08 -40.22 16.28
CA TYR A 178 3.64 -39.23 16.86
CA SER A 179 6.33 -41.01 18.98
CA MET A 180 9.81 -40.56 20.42
CA SER A 181 12.86 -42.31 21.70
CA SER A 182 15.19 -40.61 24.13
CA THR A 183 18.46 -42.47 24.90
CA LEU A 184 20.92 -41.54 27.69
CA THR A 185 24.26 -43.23 27.32
CA LEU A 186 26.54 -43.32 30.33
CA THR A 187 29.89 -44.95 31.07
CA LYS A 188 29.51 -48.23 33.08
CA ASP A 189 30.86 -46.48 36.18
CA GLU A 190 28.84 -43.15 35.88
CA TYR A 191 25.86 -45.42 35.38
CA GLU A 192 26.81 -47.29 38.58
CA ARG A 193 27.74 -44.52 41.14
CA HIS A 194 24.10 -43.21 41.00
CA ASN A 195 20.88 -44.99 41.95
CA SER A 196 17.95 -43.09 40.42
CA TYR A 197 16.91 -42.41 36.83
CA THR A 198 14.03 -40.25 35.58
CA CYS A 199 12.68 -39.57 32.04
CA GLU A 200 10.22 -36.56 32.12
CA ALA A 201 8.05 -35.20 29.40
CA THR A 202 6.29 -31.85 29.26
CA HIS A 203 3.19 -31.45 26.90
CA LYS A 204 -0.57 -30.03 26.91
CA THR A 205 -2.36 -33.20 28.04
CA SER A 206 -1.09 -32.92 31.51
CA THR A 207 0.22 -29.85 33.30
CA SER A 208 2.58 -32.06 35.25
CA PRO A 209 5.66 -33.91 33.84
CA ILE A 210 4.77 -37.49 32.83
CA VAL A 211 7.47 -38.81 34.98
CA LYS A 212 8.50 -42.40 34.77
CA SER A 213 11.55 -43.35 36.98
CA PHE A 214 13.58 -46.42 38.08
CA ASN A 215 16.37 -47.40 40.65
CA ARG A 216 19.93 -49.02 39.81
CA ASN A 217 19.35 -51.45 42.63
CA GLU A 218 17.53 -53.46 39.99
CA CYS A 219 17.76 -56.88 41.94
CA GLN B 1 9.73 -38.17 -19.00
CA VAL B 2 11.64 -34.86 -18.14
CA GLN B 3 14.31 -36.44 -15.89
CA LEU B 4 17.23 -34.78 -14.11
CA GLN B 5 19.39 -37.54 -12.84
CA GLN B 6 22.12 -37.43 -10.21
CA SER B 7 25.38 -39.06 -9.25
CA GLY B 8 24.60 -41.28 -6.27
CA ALA B 9 26.07 -41.10 -2.75
CA GLU B 10 29.68 -40.50 -1.76
CA LEU B 11 32.05 -40.91 1.11
CA VAL B 12 34.88 -38.47 1.02
CA ARG B 13 38.05 -37.89 2.96
CA PRO B 14 38.39 -34.17 4.23
CA GLY B 15 40.79 -32.17 1.96
CA THR B 16 39.57 -34.20 -1.00
CA SER B 17 37.33 -32.93 -3.80
CA VAL B 18 34.25 -34.29 -5.52
CA LYS B 19 32.56 -34.19 -8.97
CA VAL B 20 28.88 -34.65 -8.39
CA SER B 21 27.10 -34.98 -11.76
CA CYS B 22 23.57 -33.99 -12.80
CA LYS B 23 22.42 -35.76 -15.97
CA ALA B 24 19.55 -34.49 -18.00
CA SER B 25 17.15 -36.48 -20.17
CA GLY B 26 13.84 -35.75 -22.00
CA TYR B 27 14.06 -32.03 -22.54
CA ALA B 28 16.13 -29.61 -24.68
CA PHE B 29 19.18 -29.30 -22.33
CA THR B 30 20.20 -25.88 -23.54
CA ASN B 31 16.84 -24.30 -23.35
CA TYR B 32 17.20 -24.39 -19.50
CA LEU B 33 19.70 -23.12 -16.88
CA ILE B 34 20.86 -25.90 -14.37
CA GLN B 35 21.02 -24.55 -10.74
CA TRP B 36 22.76 -26.27 -7.85
CA ILE B 37 21.23 -26.05 -4.24
CA LYS B 38 22.73 -27.36 -0.88
CA GLN B 39 20.72 -28.68 2.02
CA ARG B 40 21.97 -29.64 5.51
CA PRO B 41 19.80 -32.31 6.27
CA GLY B 42 17.21 -31.11 8.72
CA GLN B 43 17.26 -27.51 7.53
CA GLY B 44 16.60 -24.92 4.71
CA LEU B 45 18.04 -24.97 1.24
CA GLU B 46 20.74 -22.52 -0.02
CA TRP B 47 21.81 -21.62 -3.50
CA ILE B 48 25.20 -22.65 -4.69
CA GLY B 49 25.44 -21.66 -8.40
CA VAL B 50 24.20 -21.46 -12.00
CA ILE B 51 25.49 -22.85 -15.20
CA ASN B 52 24.11 -22.32 -18.64
CA PRO B 53 25.11 -25.56 -20.49
CA GLY B 54 24.91 -24.16 -24.05
CA SER B 55 27.22 -21.14 -23.36
CA GLY B 56 29.35 -22.42 -20.51
CA GLY B 57 28.35 -19.45 -18.28
CA THR B 58 28.72 -19.98 -14.54
CA ASP B 59 27.60 -17.78 -11.66
CA TYR B 60 28.00 -18.59 -7.89
CA ASN B 61 26.95 -17.58 -4.44
CA ALA B 62 29.86 -15.72 -2.77
CA ASN B 63 29.85 -18.31 0.02
CA PHE B 64 30.77 -20.82 -2.70
CA LYS B 65 33.04 -18.86 -4.98
CA GLY B 66 36.13 -20.93 -5.45
CA LYS B 67 34.65 -24.00 -3.50
CA ALA B 68 32.09 -24.94 -6.18
CA THR B 69 33.05 -25.10 -9.90
CA LEU B 70 30.35 -25.96 -12.39
CA THR B 71 31.21 -27.46 -15.86
CA ALA B 72 28.93 -28.93 -18.51
CA ASP B 73 29.26 -31.50 -21.14
CA LYS B 74 27.37 -30.66 -24.27
CA SER B 75 28.45 -33.85 -26.02
CA SER B 76 26.37 -35.85 -23.60
CA SER B 77 24.16 -33.62 -21.50
CA ILE B 78 25.69 -33.82 -18.12
CA VAL B 79 26.35 -30.85 -15.88
CA TYR B 80 28.92 -31.16 -13.02
CA MET B 81 29.75 -29.72 -9.76
CA GLN B 82 33.33 -30.06 -8.42
CA LEU B 83 33.42 -29.28 -4.68
CA SER B 84 37.05 -28.30 -3.84
CA SER B 85 38.65 -28.67 -0.42
CA LEU B 86 36.27 -30.62 1.62
CA THR B 87 35.44 -30.39 5.35
CA SER B 88 32.81 -31.65 7.91
CA ASP B 89 30.54 -28.85 6.91
CA ASP B 90 30.08 -29.98 3.28
CA SER B 91 28.23 -33.06 4.42
CA ALA B 92 24.81 -32.35 3.05
CA VAL B 93 22.28 -33.26 0.30
CA TYR B 94 23.07 -31.34 -2.98
CA PHE B 95 20.27 -31.05 -5.52
CA CYS B 96 20.19 -29.48 -8.98
CA ALA B 97 17.23 -28.15 -10.77
CA ARG B 98 16.26 -26.83 -14.09
CA ASP B 99 15.45 -23.08 -14.61
CA PHE B 100 13.96 -22.07 -18.07
CA TYR B 101 16.18 -19.64 -19.96
CA ASP B 102 13.90 -17.29 -21.87
CA TYR B 103 11.62 -16.90 -18.79
CA ASP B 104 12.07 -17.44 -15.03
CA VAL B 105 8.98 -19.41 -13.97
CA GLY B 106 10.47 -21.31 -11.00
CA PHE B 107 12.85 -24.21 -10.46
CA ASP B 108 10.82 -26.53 -12.63
CA TYR B 109 11.94 -30.23 -12.05
CA TRP B 110 14.77 -31.19 -9.53
CA GLY B 111 17.05 -34.28 -9.43
CA GLN B 112 17.03 -36.78 -6.51
CA GLY B 113 19.85 -35.15 -4.64
CA THR B 114 23.39 -36.55 -4.15
CA THR B 115 24.03 -37.19 -0.43
CA LEU B 116 27.69 -36.39 0.21
CA THR B 117 29.20 -37.64 3.54
CA VAL B 118 32.54 -36.02 4.36
CA SER B 119 34.41 -38.28 6.86
CA SER B 120 37.50 -40.52 7.54
CA ALA B 121 34.92 -43.29 7.65
CA LYS B 122 34.88 -47.14 7.80
CA THR B 123 32.15 -49.82 7.97
CA THR B 124 31.33 -50.60 11.66
CA ALA B 125 28.92 -53.45 12.39
CA PRO B 126 26.20 -52.76 15.00
CA SER B 127 26.11 -54.35 18.48
CA VAL B 128 22.46 -55.16 19.16
CA TYR B 129 21.23 -55.29 22.78
CA PRO B 130 17.78 -56.61 24.05
CA LEU B 131 15.66 -53.93 25.79
CA ALA B 132 13.67 -55.54 28.49
CA PRO B 133 10.79 -54.25 30.51
CA VAL B 134 11.40 -53.33 34.02
CA CYS B 135 10.46 -55.18 37.13
CA GLY B 136 7.08 -53.51 38.42
CA ASP B 137 5.04 -54.59 35.33
CA THR B 138 3.26 -57.42 33.25
CA THR B 139 -0.07 -55.69 33.96
CA GLY B 140 -2.22 -52.35 33.55
CA SER B 141 -3.31 -52.75 30.04
CA SER B 142 -0.57 -53.75 27.29
CA VAL B 143 3.22 -54.48 27.41
CA THR B 144 6.21 -52.50 26.05
CA LEU B 145 9.85 -53.51 25.38
CA GLY B 146 12.46 -52.95 22.64
CA CYS B 147 15.63 -53.04 20.59
CA LEU B 148 18.70 -50.97 20.75
CA VAL B 149 20.95 -51.04 17.68
CA LYS B 150 23.88 -49.01 18.76
CA GLY B 151 27.27 -48.19 17.43
CA TYR B 152 26.97 -48.45 13.58
CA PHE B 153 28.04 -47.06 10.15
CA PRO B 154 26.68 -46.82 7.40
CA GLU B 155 22.86 -46.60 7.47
CA PRO B 156 21.02 -49.02 6.45
CA VAL B 157 20.18 -51.43 9.18
CA THR B 158 16.94 -53.39 9.21
CA LEU B 159 14.96 -54.26 12.32
CA THR B 160 12.31 -56.78 12.65
CA TRP B 161 10.09 -58.33 15.13
CA ASN B 162 9.48 -62.02 15.11
CA SER B 163 10.73 -62.06 11.60
CA GLY B 164 7.86 -60.00 10.31
CA SER B 165 5.00 -61.80 12.07
CA LEU B 166 5.19 -59.40 15.00
CA SER B 167 4.03 -56.63 12.63
CA SER B 168 1.28 -54.63 14.36
CA GLY B 169 2.61 -52.74 17.47
CA VAL B 170 6.14 -51.72 16.40
CA HIS B 171 7.73 -48.28 16.34
CA THR B 172 11.08 -48.32 14.64
CA PHE B 173 12.59 -44.81 15.22
CA PRO B 174 14.73 -42.84 12.61
CA ALA B 175 18.22 -43.74 13.44
CA VAL B 176 20.08 -40.73 14.97
CA LEU B 177 23.83 -40.15 14.34
CA GLN B 178 26.20 -39.53 17.50
CA SER B 179 30.01 -39.37 16.77
CA ASP B 180 30.36 -40.55 13.25
CA LEU B 181 28.29 -43.64 14.14
CA TYR B 182 24.50 -44.35 14.30
CA THR B 183 22.10 -45.34 17.15
CA LEU B 184 18.93 -46.91 15.96
CA SER B 185 16.28 -47.79 18.46
CA SER B 186 12.88 -49.55 18.20
CA SER B 187 9.92 -50.48 20.38
CA VAL B 188 6.98 -52.96 20.53
CA THR B 189 3.89 -53.11 22.72
CA VAL B 190 2.76 -56.69 23.15
CA THR B 191 -0.42 -57.75 25.20
CA SER B 192 0.24 -57.53 29.09
CA SER B 193 0.60 -61.27 29.12
CA THR B 194 1.84 -62.73 25.82
CA TRP B 195 5.53 -61.87 25.67
CA PRO B 196 6.65 -63.74 28.92
CA SER B 197 4.18 -66.44 27.89
CA GLN B 198 4.95 -67.16 24.31
CA SER B 199 7.79 -65.35 22.31
CA ILE B 200 9.65 -62.29 20.98
CA THR B 201 12.88 -61.78 19.04
CA CYS B 202 14.45 -58.74 17.59
CA ASN B 203 16.03 -59.52 14.22
CA VAL B 204 18.62 -56.99 12.85
CA ALA B 205 20.46 -56.83 9.60
CA HIS B 206 23.26 -54.60 8.70
CA PRO B 207 23.53 -55.60 5.05
CA ALA B 208 26.57 -53.34 4.40
CA SER B 209 28.82 -55.44 6.80
CA SER B 210 26.98 -58.74 6.43
CA THR B 211 26.21 -58.75 10.16
CA LYS B 212 22.91 -60.44 11.10
CA VAL B 213 21.77 -60.74 14.79
CA ASP B 214 18.86 -62.53 16.47
CA LYS B 215 18.36 -61.31 20.00
CA LYS B 216 15.44 -62.37 22.17
CA ILE B 217 13.87 -60.04 24.67
CA GLU B 218 14.25 -61.80 27.84
CA PRO B 219 12.74 -60.76 31.28
CA ARG B 220 15.59 -59.67 33.60
CA PRO C 42 0.45 8.25 8.08
CA ALA C 43 1.60 10.49 5.22
CA LEU C 44 3.12 12.91 7.74
CA THR C 45 5.09 9.95 9.11
CA ALA C 46 6.24 8.86 5.63
CA VAL C 47 7.20 12.46 4.87
CA GLU C 48 9.39 12.59 8.02
CA THR C 49 11.12 9.39 6.93
CA GLY C 50 11.62 10.77 3.47
CA ALA C 51 12.86 14.22 4.49
CA THR C 52 15.11 12.77 7.19
CA SER C 71 5.31 43.88 -11.35
CA ARG C 72 3.67 40.42 -11.37
CA SER C 73 6.20 39.02 -13.89
CA GLU C 74 7.31 36.03 -11.84
CA SER C 75 3.77 34.84 -10.93
CA SER C 76 2.50 34.59 -14.51
CA ILE C 77 1.31 30.96 -15.15
CA GLU C 78 4.35 30.36 -17.38
CA SER C 79 6.78 31.76 -14.77
CA PHE C 80 5.12 29.83 -11.91
CA PHE C 81 5.67 26.61 -13.82
CA ALA C 82 8.98 27.35 -15.61
CA ARG C 83 11.01 24.67 -13.80
CA GLY C 84 11.92 20.99 -14.34
CA ALA C 85 10.37 18.82 -11.60
CA CYS C 86 11.39 15.18 -10.82
CA VAL C 87 8.48 12.88 -11.60
CA THR C 88 10.13 9.44 -11.43
CA ILE C 89 13.26 7.43 -10.71
CA MET C 90 13.72 4.42 -12.98
CA THR C 91 16.07 1.55 -12.03
CA VAL C 92 18.04 -0.60 -14.45
CA ASP C 93 21.11 -2.81 -14.31
CA ASN C 94 23.50 -4.88 -16.33
CA PRO C 95 24.76 -8.65 -16.14
CA ALA C 96 24.82 -12.17 -18.71
CA SER C 97 23.94 -16.04 -20.14
CA THR C 98 23.49 -16.80 -16.51
CA THR C 99 20.25 -14.66 -16.50
CA ASN C 100 16.82 -15.26 -17.91
CA LYS C 101 16.17 -12.91 -21.03
CA ASP C 102 13.11 -12.09 -19.19
CA LYS C 103 15.03 -10.14 -16.65
CA LEU C 104 15.98 -6.85 -18.13
CA PHE C 105 14.34 -3.36 -18.48
CA ALA C 106 12.59 -0.55 -16.42
CA VAL C 107 8.96 0.26 -17.32
CA TRP C 108 7.24 3.45 -16.14
CA LYS C 109 3.63 4.58 -16.79
CA ILE C 110 3.92 8.28 -17.70
CA THR C 111 2.34 10.48 -15.10
CA TYR C 112 3.02 13.51 -12.92
CA LYS C 113 1.32 11.81 -9.99
CA ASP C 114 4.10 9.56 -8.71
CA THR C 115 5.72 12.49 -6.98
CA VAL C 116 4.05 15.31 -5.04
CA GLN C 117 5.47 18.74 -5.79
CA LEU C 118 4.73 19.33 -9.49
CA ARG C 119 1.39 17.53 -8.88
CA ARG C 120 0.30 20.01 -6.18
CA LYS C 121 1.27 22.94 -8.43
CA LEU C 122 -0.71 21.69 -11.45
CA GLU C 123 -3.68 20.89 -9.26
CA PHE C 124 -4.08 24.55 -8.30
CA PHE C 125 -6.00 24.30 -11.60
CA THR C 126 -8.60 21.96 -13.14
CA TYR C 127 -7.48 21.85 -16.81
CA SER C 128 -4.22 22.60 -18.64
CA ARG C 129 -2.53 22.81 -22.02
CA PHE C 130 1.26 22.66 -22.40
CA ASP C 131 4.20 21.40 -24.37
CA MET C 132 6.21 18.94 -22.34
CA GLU C 133 9.94 19.11 -21.86
CA LEU C 134 11.54 15.97 -20.49
CA THR C 135 15.08 15.99 -19.21
CA PHE C 136 16.88 12.80 -18.06
CA VAL C 137 19.60 12.59 -15.42
CA VAL C 138 21.40 9.25 -15.34
CA THR C 139 23.66 8.00 -12.56
CA ALA C 140 25.39 4.57 -12.12
CA ASN C 141 27.22 2.61 -9.36
CA PHE C 142 28.93 -0.65 -8.45
CA THR C 143 27.01 -2.99 -6.21
CA GLU C 144 29.41 -5.75 -5.23
CA THR C 145 32.64 -5.20 -3.24
CA ASN C 146 34.38 -6.47 -6.26
CA ASN C 147 37.41 -4.81 -7.65
CA GLY C 148 36.13 -5.13 -11.18
CA HIS C 149 34.98 -2.93 -13.95
CA ALA C 150 32.51 -1.98 -16.49
CA LEU C 151 33.02 0.36 -19.45
CA ASN C 152 30.86 3.42 -20.39
CA GLN C 153 27.22 2.52 -20.78
CA VAL C 154 24.63 3.53 -23.35
CA TYR C 155 20.97 3.68 -22.24
CA GLN C 156 17.92 3.35 -24.50
CA ILE C 157 14.90 5.28 -23.27
CA MET C 158 12.03 4.01 -25.48
CA TYR C 159 8.60 5.60 -25.55
CA VAL C 160 6.00 2.87 -25.96
CA PRO C 161 2.64 4.64 -26.59
CA PRO C 162 -0.70 2.88 -25.80
CA GLY C 163 -1.02 -0.06 -28.10
CA ALA C 164 2.59 -0.62 -29.14
CA PRO C 165 4.29 -3.82 -27.87
CA VAL C 166 5.86 -3.45 -24.39
CA PRO C 167 9.31 -5.05 -23.96
CA GLU C 168 9.27 -8.39 -22.21
CA LYS C 169 13.07 -8.78 -22.23
CA TRP C 170 16.02 -6.34 -22.26
CA ASP C 171 16.96 -7.55 -25.72
CA ASP C 172 13.75 -8.60 -27.45
CA TYR C 173 12.49 -7.30 -30.86
CA THR C 174 10.63 -4.25 -29.49
CA TRP C 175 13.89 -2.31 -28.85
CA GLN C 176 14.26 -2.10 -32.69
CA THR C 177 12.08 1.02 -32.44
CA SER C 178 11.13 1.45 -36.08
CA SER C 179 8.28 3.80 -35.15
CA ASN C 180 8.45 4.50 -31.38
CA PRO C 181 10.73 7.45 -30.45
CA SER C 182 13.92 6.35 -28.62
CA ILE C 183 16.83 8.19 -27.01
CA PHE C 184 20.18 6.47 -26.90
CA TYR C 185 21.86 8.32 -24.02
CA THR C 186 25.66 7.97 -23.44
CA TYR C 187 26.78 7.84 -19.76
CA GLY C 188 28.52 10.92 -18.42
CA THR C 189 27.40 13.18 -21.29
CA ALA C 190 25.04 16.16 -20.75
CA PRO C 191 21.59 14.97 -19.53
CA ALA C 192 19.27 13.92 -22.31
CA ARG C 193 16.30 16.19 -23.30
CA ILE C 194 13.32 16.08 -25.66
CA SER C 195 10.16 18.06 -26.26
CA VAL C 196 6.67 16.88 -26.99
CA PRO C 197 3.68 19.04 -28.17
CA TYR C 198 0.24 19.17 -26.45
CA VAL C 199 -0.69 15.51 -27.08
CA GLY C 200 -4.03 15.08 -25.20
CA ILE C 201 -7.05 13.52 -26.95
CA SER C 202 -9.19 16.26 -25.41
CA ASN C 203 -8.87 20.07 -25.86
CA ALA C 204 -7.05 20.27 -22.56
CA TYR C 205 -5.42 17.91 -20.07
CA SER C 206 -7.90 17.19 -17.24
CA HIS C 207 -6.25 17.31 -13.80
CA PHE C 208 -9.60 16.02 -12.40
CA TYR C 209 -12.24 13.81 -14.04
CA ASP C 210 -15.44 13.45 -11.92
CA GLY C 211 -16.59 10.31 -13.73
CA PHE C 212 -16.15 6.73 -14.93
CA SER C 213 -14.98 5.24 -18.21
CA LYS C 214 -17.92 2.76 -18.13
CA VAL C 215 -21.68 3.01 -17.60
CA PRO C 216 -22.87 -0.09 -15.62
CA LEU C 217 -25.89 -1.38 -17.52
CA LYS C 218 -28.67 -3.27 -15.65
CA ASP C 219 -28.82 -5.88 -18.33
CA GLN C 220 -25.13 -6.75 -17.79
CA SER C 221 -23.24 -8.07 -14.69
CA ALA C 222 -21.88 -5.66 -12.14
CA ALA C 223 -18.35 -6.85 -12.78
CA LEU C 224 -18.75 -6.22 -16.42
CA GLY C 225 -19.95 -2.65 -15.96
CA ASP C 226 -17.35 -1.71 -13.39
CA SER C 227 -14.57 0.84 -13.62
CA LEU C 228 -12.43 3.06 -11.40
CA TYR C 229 -13.75 6.30 -10.02
CA GLY C 230 -12.16 9.28 -11.73
CA ALA C 231 -10.13 7.21 -14.17
CA ALA C 232 -10.47 7.83 -17.92
CA SER C 233 -8.19 5.86 -20.30
CA LEU C 234 -6.37 2.94 -18.37
CA ASN C 235 -3.19 3.68 -20.33
CA ASP C 236 -3.52 7.42 -20.64
CA PHE C 237 -0.08 8.20 -22.14
CA GLY C 238 1.80 4.89 -22.49
CA ILE C 239 5.12 4.00 -20.93
CA LEU C 240 8.80 4.77 -20.87
CA ALA C 241 10.98 1.61 -21.15
CA VAL C 242 14.66 1.96 -20.25
CA ARG C 243 17.54 -0.50 -20.72
CA VAL C 244 21.34 -0.67 -20.60
CA VAL C 245 22.28 -1.50 -24.23
CA ASN C 246 25.70 -2.96 -23.30
CA ASP C 247 25.87 -6.73 -22.89
CA HIS C 248 26.29 -8.39 -19.50
CA ASN C 249 29.42 -7.52 -17.71
CA PRO C 250 31.25 -9.71 -15.04
CA THR C 251 30.95 -6.89 -12.50
CA LYS C 252 27.35 -5.77 -11.97
CA VAL C 253 26.45 -2.11 -12.38
CA THR C 254 23.20 -0.50 -11.30
CA SER C 255 21.78 2.71 -12.70
CA LYS C 256 19.05 5.17 -12.07
CA ILE C 257 17.34 7.40 -14.60
CA ARG C 258 15.76 10.43 -12.96
CA VAL C 259 13.04 12.03 -15.15
CA TYR C 260 12.36 15.80 -14.99
CA LEU C 261 9.19 17.36 -16.31
CA LYS C 262 8.74 21.01 -17.33
CA PRO C 263 5.44 22.34 -18.70
CA LYS C 264 6.39 24.93 -21.38
CA HIS C 265 3.90 27.15 -23.26
CA ILE C 266 1.26 26.58 -20.62
CA ARG C 267 -2.35 27.56 -20.26
CA VAL C 268 -4.56 26.79 -17.25
CA TRP C 269 -8.26 26.91 -16.45
CA CYS C 270 -10.59 26.84 -13.38
CA PRO C 271 -8.63 27.53 -10.14
CA ARG C 272 -8.76 25.09 -7.19
CA PRO C 273 -7.79 25.06 -3.51
CA PRO C 274 -4.35 23.33 -3.23
CA ARG C 275 -3.94 19.85 -1.73
CA ALA C 276 -4.16 20.30 2.06
CA VAL C 277 -3.63 16.79 3.37
CA ALA C 278 -1.14 14.17 2.10
CA TYR C 279 -1.67 12.52 -1.30
CA TYR C 280 -2.95 8.98 -1.12
CA GLY C 281 -2.99 7.37 -4.58
CA PRO C 282 -3.63 9.04 -8.01
CA GLY C 283 -7.14 10.14 -7.01
CA VAL C 284 -8.35 12.73 -4.45
CA ASP C 285 -8.43 10.11 -1.67
CA TYR C 286 -7.08 10.60 1.82
CA LYS C 287 -5.72 8.38 4.45
CA ASP C 288 -6.87 8.19 8.03
CA GLY C 289 -4.44 9.79 10.41
CA THR C 290 -3.25 12.46 7.94
CA LEU C 291 -6.25 14.84 8.19
CA THR C 292 -5.05 17.39 10.69
CA PRO C 293 -2.89 19.96 8.77
CA LEU C 294 -3.63 22.97 10.98
CA SER C 295 -1.84 23.57 14.27
CA THR C 296 -2.85 24.91 17.68
CA LYS C 297 -3.04 28.67 17.97
CA ASP C 298 -5.13 30.71 20.46
CA LEU C 299 -7.74 33.19 19.04
CA THR C 300 -6.35 36.18 20.95
CA THR C 301 -2.65 35.31 20.63
CA TYR C 302 -0.44 37.08 18.07
CA VAL D 13 -28.95 53.78 8.18
CA LEU D 14 -25.75 55.80 8.38
CA GLN D 15 -22.02 55.44 8.09
CA LEU D 16 -19.59 57.94 9.70
CA THR D 17 -15.89 57.82 8.86
CA LEU D 18 -13.20 59.97 10.54
CA GLY D 19 -9.47 59.24 10.37
CA ASN D 20 -8.96 55.49 10.61
CA SER D 21 -12.38 54.94 12.18
CA THR D 22 -15.85 54.15 10.95
CA ILE D 23 -19.22 53.93 12.70
CA THR D 24 -22.24 52.24 11.20
CA THR D 25 -25.82 52.33 12.40
CA GLN D 26 -28.98 50.75 11.11
CA ALA D 28 -34.41 35.67 -1.41
CA ALA D 29 -30.76 36.81 -1.24
CA ASN D 30 -30.71 37.63 -4.98
CA SER D 31 -29.63 34.80 -7.35
CA VAL D 32 -26.30 33.43 -8.63
CA VAL D 33 -25.32 32.70 -12.21
CA ALA D 34 -22.38 30.26 -12.17
CA TYR D 35 -19.16 31.79 -13.55
CA GLY D 36 -21.41 34.49 -15.04
CA ARG D 37 -22.65 32.12 -17.76
CA TRP D 38 -26.31 31.65 -18.55
CA PRO D 39 -27.17 28.19 -20.05
CA GLU D 40 -27.28 27.89 -23.82
CA TYR D 41 -27.71 25.38 -26.65
CA LEU D 42 -24.69 23.82 -28.41
CA ARG D 43 -23.45 26.15 -31.17
CA ASP D 44 -22.43 25.08 -34.70
CA SER D 45 -18.77 26.19 -34.22
CA GLU D 46 -18.50 23.95 -31.15
CA ALA D 47 -20.81 21.11 -32.22
CA ASN D 48 -19.48 17.56 -32.55
CA PRO D 49 -22.14 14.77 -33.11
CA VAL D 50 -23.59 15.35 -36.60
CA ASP D 51 -27.18 14.05 -36.19
CA GLN D 52 -30.18 16.38 -35.71
CA PRO D 53 -30.45 16.78 -31.92
CA THR D 54 -33.51 16.21 -29.79
CA GLU D 55 -34.52 19.34 -27.88
CA PRO D 56 -37.47 18.53 -25.56
CA ASP D 57 -37.86 22.18 -24.51
CA VAL D 58 -40.91 22.70 -22.15
CA ALA D 59 -41.48 18.92 -21.73
CA ALA D 60 -38.16 18.65 -19.85
CA CYS D 61 -36.97 22.23 -19.21
CA ARG D 62 -39.27 22.77 -16.24
CA PHE D 63 -39.19 22.42 -12.41
CA TYR D 64 -38.91 19.06 -10.67
CA THR D 65 -39.18 18.80 -6.87
CA LEU D 66 -37.11 16.09 -5.25
CA ASP D 67 -37.77 14.28 -1.94
CA THR D 68 -37.81 16.74 0.96
CA VAL D 69 -35.09 16.18 3.55
CA SER D 70 -34.89 17.04 7.27
CA TRP D 71 -32.40 19.43 8.89
CA THR D 72 -31.54 18.85 12.54
CA LYS D 73 -28.94 19.77 15.19
CA GLU D 74 -27.37 16.42 14.24
CA SER D 75 -27.26 16.80 10.41
CA ARG D 76 -23.75 16.93 8.85
CA GLY D 77 -24.89 17.66 5.29
CA TRP D 78 -26.35 16.45 2.00
CA TRP D 79 -25.17 15.86 -1.56
CA TRP D 80 -26.63 15.33 -5.01
CA LYS D 81 -25.23 14.77 -8.50
CA LEU D 82 -26.46 16.20 -11.82
CA PRO D 83 -27.97 14.91 -13.95
CA ASP D 84 -28.19 11.72 -11.74
CA ALA D 85 -30.75 13.31 -9.35
CA LEU D 86 -33.18 14.01 -12.21
CA ARG D 87 -32.73 10.60 -13.93
CA ASP D 88 -36.27 9.51 -12.99
CA MET D 89 -37.98 12.86 -13.61
CA GLY D 90 -40.68 12.68 -16.27
CA LEU D 91 -39.76 13.44 -19.88
CA PHE D 92 -36.27 14.66 -18.97
CA GLY D 93 -35.31 11.21 -17.59
CA GLN D 94 -36.83 9.44 -20.61
CA ASN D 95 -35.04 11.64 -23.16
CA MET D 96 -31.83 11.13 -21.21
CA TYR D 97 -31.97 7.28 -21.26
CA TYR D 98 -33.04 7.02 -24.94
CA HIS D 99 -29.92 8.90 -26.14
CA TYR D 100 -26.18 8.12 -26.04
CA LEU D 101 -25.44 11.82 -25.61
CA GLY D 102 -26.86 14.72 -23.69
CA ARG D 103 -26.15 18.18 -22.38
CA SER D 104 -28.00 20.35 -19.88
CA GLY D 105 -27.81 23.39 -17.68
CA TYR D 106 -29.94 23.84 -14.52
CA THR D 107 -31.89 26.28 -12.37
CA VAL D 108 -31.34 25.01 -8.83
CA HIS D 109 -33.73 26.29 -6.16
CA VAL D 110 -33.07 25.23 -2.58
CA GLN D 111 -35.98 25.94 -0.21
CA CYS D 112 -35.72 26.22 3.57
CA ASN D 113 -37.97 28.39 5.71
CA ALA D 114 -38.11 28.74 9.48
CA SER D 115 -38.94 31.69 11.82
CA LYS D 116 -37.43 34.90 13.28
CA PHE D 117 -36.60 32.93 16.43
CA HIS D 118 -34.65 30.16 14.66
CA GLN D 119 -30.92 30.36 13.90
CA GLY D 120 -28.63 28.61 11.42
CA ALA D 121 -26.78 28.78 8.12
CA LEU D 122 -26.73 26.38 5.20
CA GLY D 123 -23.85 26.61 2.72
CA VAL D 124 -25.21 25.72 -0.73
CA PHE D 125 -22.52 24.83 -3.26
CA ALA D 126 -22.38 23.96 -6.96
CA VAL D 127 -19.24 21.99 -7.79
CA PRO D 128 -18.17 21.00 -11.34
CA GLU D 129 -16.86 17.41 -11.55
CA MET D 130 -17.55 16.81 -7.85
CA CYS D 131 -15.46 13.69 -7.42
CA LEU D 132 -15.92 12.26 -3.90
CA ALA D 133 -13.68 10.07 -1.70
CA GLY D 134 -14.34 6.35 -1.18
CA ASP D 135 -14.73 4.11 1.88
CA SER D 136 -11.61 1.96 1.42
CA ASN D 137 -8.11 2.32 2.74
CA THR D 138 -6.87 -0.84 1.00
CA THR D 139 -8.10 -0.19 -2.57
CA THR D 140 -8.77 3.11 -4.43
CA MET D 141 -11.36 4.64 -6.83
CA HIS D 142 -13.50 1.58 -6.22
CA THR D 143 -16.86 3.12 -5.44
CA SER D 144 -19.53 1.22 -7.40
CA TYR D 145 -21.70 2.97 -10.05
CA GLN D 146 -24.78 2.11 -7.98
CA ASN D 147 -23.41 3.75 -4.81
CA ALA D 148 -21.90 6.70 -6.73
CA ASN D 149 -25.35 7.48 -8.09
CA PRO D 150 -28.13 7.64 -5.39
CA GLY D 151 -30.50 9.37 -7.84
CA GLU D 152 -33.14 11.76 -6.49
CA LYS D 153 -32.60 10.74 -2.85
CA GLY D 154 -28.98 11.87 -2.75
CA GLY D 155 -26.23 11.20 -0.27
CA THR D 156 -24.99 12.56 3.04
CA PHE D 157 -21.82 13.84 4.64
CA THR D 158 -20.12 12.37 7.70
CA GLY D 159 -18.20 14.10 10.50
CA THR D 160 -15.80 11.14 10.60
CA PHE D 161 -13.86 8.92 8.22
CA THR D 162 -14.55 5.29 8.99
CA PRO D 163 -13.06 2.71 6.60
CA ASP D 164 -14.74 -0.26 4.99
CA ASN D 165 -12.92 -3.13 6.75
CA ASN D 166 -14.80 -6.05 5.14
CA GLN D 167 -12.24 -7.03 2.46
CA THR D 168 -14.21 -10.07 1.17
CA SER D 169 -17.50 -8.23 0.54
CA PRO D 170 -16.67 -4.53 0.10
CA ALA D 171 -19.31 -1.85 0.74
CA ARG D 172 -17.82 -0.10 -2.35
CA ARG D 173 -19.15 3.28 -1.44
CA PHE D 174 -18.23 6.84 -0.54
CA CYS D 175 -17.11 8.23 2.82
CA PRO D 176 -17.52 12.00 2.35
CA VAL D 177 -16.13 13.80 5.38
CA ASP D 178 -17.83 17.18 5.90
CA TYR D 179 -14.87 19.47 6.82
CA LEU D 180 -12.93 18.04 3.85
CA LEU D 181 -15.83 18.64 1.39
CA GLY D 182 -15.92 14.86 0.97
CA ASN D 183 -12.85 15.19 -1.35
CA GLY D 184 -9.60 16.02 0.54
CA THR D 185 -9.82 19.83 0.36
CA LEU D 186 -10.86 22.16 3.21
CA LEU D 187 -14.56 23.08 3.41
CA GLY D 188 -13.82 26.76 4.29
CA ASN D 189 -12.44 27.14 0.75
CA ALA D 190 -15.54 25.70 -1.05
CA PHE D 191 -16.64 29.30 -1.58
CA VAL D 192 -14.36 29.61 -4.65
CA PHE D 193 -17.16 27.55 -6.18
CA PRO D 194 -20.54 29.05 -7.29
CA HIS D 195 -22.63 29.37 -4.19
CA GLN D 196 -25.24 30.94 -1.97
CA ILE D 197 -25.76 30.83 1.80
CA ILE D 198 -29.12 30.22 3.47
CA ASN D 199 -28.88 32.20 6.71
CA LEU D 200 -32.20 31.74 8.57
CA ARG D 201 -32.34 35.35 9.78
CA THR D 202 -31.86 36.74 6.24
CA ASN D 203 -33.34 34.27 3.70
CA ASN D 204 -35.64 31.29 2.99
CA CYS D 205 -33.74 30.06 -0.05
CA ALA D 206 -30.95 29.73 -2.52
CA THR D 207 -31.05 30.14 -6.31
CA LEU D 208 -28.26 28.91 -8.54
CA VAL D 209 -28.28 29.09 -12.33
CA LEU D 210 -25.84 26.54 -13.71
CA PRO D 211 -24.53 26.33 -17.31
CA TYR D 212 -23.37 23.09 -18.88
CA VAL D 213 -19.76 22.69 -17.72
CA ASN D 214 -17.38 20.14 -19.19
CA SER D 215 -14.13 19.40 -21.08
CA LEU D 216 -16.31 18.29 -24.00
CA SER D 217 -19.12 20.00 -26.00
CA ILE D 218 -21.56 17.20 -25.15
CA ASP D 219 -21.09 13.84 -23.31
CA SER D 220 -22.65 10.69 -21.82
CA MET D 221 -25.17 11.84 -19.21
CA VAL D 222 -25.56 8.28 -17.91
CA LYS D 223 -21.82 7.59 -17.41
CA HIS D 224 -20.89 11.10 -16.25
CA ASN D 225 -22.17 13.69 -13.83
CA ASN D 226 -21.29 17.31 -14.62
CA TRP D 227 -22.25 19.02 -11.41
CA GLY D 228 -22.44 18.18 -7.73
CA ILE D 229 -24.78 20.00 -5.34
CA ALA D 230 -23.41 20.11 -1.80
CA ILE D 231 -25.41 21.40 1.19
CA LEU D 232 -23.64 21.76 4.53
CA PRO D 233 -24.61 23.45 7.81
CA LEU D 234 -22.02 26.22 8.18
CA ALA D 235 -23.78 27.16 11.39
CA PRO D 236 -25.92 24.51 13.18
CA LEU D 237 -29.69 24.64 13.43
CA ASN D 238 -31.01 26.17 16.62
CA PHE D 239 -34.37 27.18 18.09
CA ALA D 240 -35.75 28.92 21.20
CA SER D 241 -34.57 26.26 23.70
CA GLU D 242 -35.87 22.98 22.22
CA SER D 243 -32.97 20.44 22.37
CA SER D 244 -34.20 18.62 19.25
CA PRO D 245 -35.63 21.13 16.71
CA GLU D 246 -36.13 20.26 13.07
CA ILE D 247 -36.84 22.00 9.74
CA PRO D 248 -37.33 20.75 6.18
CA ILE D 249 -35.10 21.42 3.22
CA THR D 250 -36.91 21.08 -0.11
CA LEU D 251 -34.81 20.95 -3.28
CA THR D 252 -36.43 21.87 -6.65
CA ILE D 253 -34.46 21.73 -9.92
CA ALA D 254 -35.08 22.58 -13.57
CA PRO D 255 -33.14 21.45 -16.65
CA MET D 256 -32.27 24.27 -19.09
CA CYS D 257 -31.47 24.67 -22.82
CA CYS D 258 -31.08 20.91 -22.92
CA GLU D 259 -30.26 18.78 -25.92
CA PHE D 260 -29.72 15.19 -26.88
CA ASN D 261 -27.87 13.19 -29.53
CA GLY D 262 -27.43 9.59 -30.74
CA LEU D 263 -30.96 8.16 -30.48
CA ARG D 264 -31.51 4.43 -30.05
CA GLY E 1 32.65 24.03 -40.98
CA LEU E 2 31.95 27.31 -39.16
CA PRO E 3 34.45 28.05 -36.43
CA VAL E 4 32.99 27.69 -33.02
CA MET E 5 34.12 27.70 -29.43
CA ASN E 6 32.38 26.02 -26.55
CA THR E 7 31.58 28.00 -23.40
CA PRO E 8 30.82 27.06 -19.82
CA GLY E 9 27.41 25.42 -19.28
CA SER E 10 28.06 23.32 -22.37
CA ASN E 11 26.38 19.91 -22.24
CA GLN E 12 24.88 20.55 -18.86
CA LEU E 14 19.93 23.89 -14.82
CA THR E 15 16.33 23.01 -13.98
CA ALA E 16 15.28 26.62 -14.45
CA ASP E 17 16.82 26.88 -17.93
CA ASN E 18 14.82 27.83 -21.02
CA PHE E 19 16.21 26.27 -24.17
CA GLN E 20 14.94 24.67 -27.30
CA SER E 21 15.01 20.88 -27.65
CA PRO E 22 14.09 18.36 -30.43
CA CYS E 23 10.50 17.13 -30.62
CA ALA E 24 9.90 13.37 -30.05
CA LEU E 25 6.58 13.51 -31.95
CA PRO E 26 7.17 15.65 -35.09
CA GLU E 27 4.13 16.76 -37.09
CA PHE E 28 1.78 15.55 -34.37
CA ASP E 29 -1.80 16.66 -35.07
CA VAL E 30 -2.44 18.74 -31.93
CA THR E 31 -5.99 19.11 -30.65
CA PRO E 32 -6.98 22.82 -30.67
CA PRO E 33 -8.11 24.64 -27.50
CA ILE E 34 -11.73 25.40 -26.81
CA ASP E 35 -12.81 28.41 -24.74
CA ILE E 36 -13.09 26.81 -21.32
CA PRO E 37 -14.53 29.20 -18.71
CA GLY E 38 -12.25 30.21 -15.82
CA GLU E 39 -8.82 30.72 -17.42
CA VAL E 40 -6.17 32.12 -15.05
CA LYS E 41 -3.20 34.23 -16.28
CA ASN E 42 -1.33 35.03 -13.03
CA MET E 43 -1.21 33.40 -9.56
CA MET E 44 -1.90 36.79 -7.95
CA GLU E 45 -5.41 36.69 -9.42
CA LEU E 46 -6.08 33.80 -7.01
CA ALA E 47 -4.53 35.79 -4.16
CA GLU E 48 -7.06 38.59 -4.78
CA ILE E 49 -10.00 36.24 -4.00
CA ASP E 50 -14.64 35.73 0.14
CA THR E 51 -13.65 32.50 1.86
CA MET E 52 -14.77 31.43 5.37
CA ILE E 53 -12.25 31.64 8.21
CA PRO E 54 -11.69 28.72 10.64
CA PHE E 55 -11.31 31.04 13.66
CA ASP E 56 -11.82 28.57 16.50
CA LEU E 57 -8.92 26.13 16.09
CA SER E 58 -9.19 25.02 19.74
CA ALA E 59 -8.07 21.44 20.58
CA THR E 60 -11.64 20.08 20.36
CA LYS E 61 -13.19 22.28 17.63
CA LYS E 62 -10.36 22.14 15.12
CA ASN E 63 -10.76 19.92 12.03
CA THR E 64 -14.55 19.88 12.50
CA MET E 65 -17.49 22.03 11.23
CA GLU E 66 -17.30 23.94 14.52
CA MET E 67 -13.93 25.67 13.90
CA TYR E 68 -15.78 28.11 11.59
CA ARG E 69 -18.27 29.27 14.25
CA VAL E 70 -17.44 32.21 16.52
CA ARG E 71 -19.92 31.94 19.38
CA LEU E 72 -21.45 35.04 21.02
CA SER E 73 -23.98 35.73 23.80
CA ASP E 74 -26.56 38.01 25.49
CA LYS E 75 -24.16 38.53 28.38
CA PRO E 76 -22.95 41.78 30.00
CA HIS E 77 -20.72 44.36 28.48
CA THR E 78 -17.13 43.33 28.82
CA ASP E 79 -14.09 45.06 27.31
CA ASP E 80 -12.42 41.71 26.64
CA PRO E 81 -11.77 40.29 23.14
CA ILE E 82 -14.19 37.96 21.37
CA LEU E 83 -11.36 36.91 19.06
CA CYS E 84 -7.70 37.82 18.53
CA LEU E 85 -5.82 37.12 15.25
CA SER E 86 -2.47 38.05 13.67
CA LEU E 87 -2.17 39.60 10.19
CA SER E 88 0.03 36.89 8.76
CA PRO E 89 -2.26 35.66 5.95
CA ALA E 90 -0.03 32.87 4.66
CA SER E 91 1.40 31.66 8.02
CA ASP E 92 -1.23 32.23 10.77
CA PRO E 93 -3.17 28.88 11.01
CA ARG E 94 -6.61 30.52 10.89
CA LEU E 95 -5.79 32.28 7.59
CA SER E 96 -3.15 29.91 6.04
CA HIS E 97 -5.81 27.43 4.85
CA THR E 98 -8.38 29.86 3.38
CA MET E 99 -8.44 30.25 -0.48
CA LEU E 100 -6.40 33.46 -0.04
CA GLY E 101 -3.88 31.85 2.37
CA GLU E 102 -3.55 28.81 0.09
CA ILE E 103 -2.71 30.85 -3.05
CA LEU E 104 -0.26 32.92 -0.95
CA ASN E 105 1.62 29.71 -0.03
CA TYR E 106 2.63 29.26 -3.68
CA TYR E 107 4.37 32.65 -3.50
CA THR E 108 7.15 34.18 -1.36
CA HIS E 109 5.88 37.77 -1.24
CA TRP E 110 2.53 39.49 -0.68
CA ALA E 111 1.26 43.06 -0.87
CA GLY E 112 -1.98 44.99 -0.62
CA SER E 113 -5.17 45.60 1.25
CA LEU E 114 -7.34 42.84 2.68
CA LYS E 115 -10.99 42.86 3.72
CA PHE E 116 -12.69 41.01 6.52
CA THR E 117 -16.43 40.41 6.34
CA PHE E 118 -18.48 39.26 9.33
CA LEU E 119 -21.88 37.55 9.13
CA PHE E 120 -24.37 37.54 12.03
CA CYS E 121 -26.13 34.16 12.21
CA GLY E 122 -28.28 34.96 15.22
CA SER E 123 -32.09 35.42 15.33
CA MET E 124 -33.87 38.44 13.73
CA MET E 125 -34.94 39.50 17.24
CA ALA E 126 -31.33 39.72 18.43
CA THR E 127 -29.66 43.13 18.47
CA GLY E 128 -26.12 44.33 19.16
CA LYS E 129 -23.11 46.51 18.48
CA LEU E 130 -19.63 45.11 17.88
CA LEU E 131 -16.20 46.69 17.44
CA VAL E 132 -13.88 45.32 14.75
CA SER E 133 -10.24 46.40 15.01
CA TYR E 134 -6.97 46.49 13.16
CA ALA E 135 -3.80 47.53 14.89
CA PRO E 136 -0.60 48.06 12.84
CA PRO E 137 2.48 46.30 14.29
CA GLY E 138 4.97 47.71 16.82
CA ALA E 139 3.08 48.17 20.05
CA ASP E 140 1.45 45.82 22.56
CA PRO E 141 -1.25 43.67 20.86
CA PRO E 142 -4.70 44.82 22.01
CA LYS E 143 -6.22 42.79 24.87
CA LYS E 144 -8.86 45.44 25.63
CA ARG E 145 -11.46 47.44 23.73
CA LYS E 146 -9.76 50.61 25.01
CA GLU E 147 -6.48 49.82 23.19
CA ALA E 148 -8.19 48.33 20.13
CA MET E 149 -10.43 51.42 19.79
CA LEU E 150 -7.26 53.53 19.26
CA GLY E 151 -6.33 51.93 15.91
CA THR E 152 -8.06 51.29 12.57
CA HIS E 153 -11.60 50.17 13.37
CA VAL E 154 -15.26 49.73 12.45
CA ILE E 155 -18.26 49.91 14.78
CA TRP E 156 -20.67 47.28 13.44
CA ASP E 157 -24.35 47.71 14.22
CA ILE E 158 -26.46 44.57 13.82
CA GLY E 159 -29.66 44.90 11.75
CA LEU E 160 -31.26 44.09 8.33
CA GLN E 161 -27.91 44.25 6.56
CA SER E 162 -26.72 40.90 7.95
CA SER E 163 -23.02 41.46 7.45
CA CYS E 164 -20.31 44.06 8.03
CA THR E 165 -17.03 44.54 6.15
CA MET E 166 -13.88 45.89 7.73
CA VAL E 167 -11.08 46.84 5.38
CA VAL E 168 -7.52 46.24 6.53
CA PRO E 169 -5.47 48.83 4.59
CA TRP E 170 -2.01 48.22 3.17
CA ILE E 171 0.16 49.62 5.91
CA SER E 172 3.75 48.46 5.65
CA ASN E 173 7.35 49.57 5.85
CA THR E 174 8.45 47.12 3.15
CA THR E 175 6.95 47.15 -0.39
CA TYR E 176 6.14 43.48 -0.02
CA ARG E 177 5.79 41.23 3.05
CA GLN E 178 6.99 37.62 3.41
CA THR E 179 4.52 34.72 3.24
CA ILE E 180 6.05 33.29 6.42
CA ASP E 181 6.17 34.44 10.08
CA ASP E 182 8.78 37.18 10.18
CA SER E 183 9.20 40.07 12.65
CA PHE E 184 10.63 42.44 10.03
CA THR E 185 7.61 42.00 7.74
CA GLU E 186 5.03 41.72 10.50
CA GLY E 187 1.44 42.89 9.73
CA GLY E 188 -0.29 43.73 13.05
CA TYR E 189 -3.33 42.65 14.98
CA ILE E 190 -6.97 41.96 14.15
CA SER E 191 -9.30 41.88 17.15
CA VAL E 192 -13.05 41.85 17.79
CA PHE E 193 -15.14 43.22 20.68
CA TYR E 194 -18.51 43.95 22.25
CA GLN E 195 -19.23 47.72 21.75
CA THR E 196 -22.42 47.52 23.81
CA ARG E 197 -23.73 43.92 24.17
CA ILE E 198 -25.84 41.33 22.35
CA VAL E 199 -29.44 41.88 23.42
CA VAL E 200 -32.34 39.47 23.10
CA PRO E 201 -35.96 39.44 24.28
CA LEU E 202 -37.55 36.38 25.89
CA SER E 203 -38.34 33.07 24.09
CA THR E 204 -35.19 33.75 22.08
CA PRO E 205 -31.74 32.05 22.00
CA ARG E 206 -29.20 33.75 24.25
CA GLU E 207 -26.37 32.39 22.15
CA MET E 208 -25.59 32.67 18.51
CA ASP E 209 -22.79 32.23 16.04
CA ILE E 210 -21.03 34.69 13.80
CA LEU E 211 -19.11 33.65 10.70
CA GLY E 212 -16.09 35.43 9.25
CA PHE E 213 -14.76 35.81 5.73
CA VAL E 214 -11.55 37.10 4.17
CA SER E 215 -10.70 38.34 0.69
CA ALA E 216 -8.29 40.59 -1.22
CA CYS E 217 -9.00 44.27 -2.03
CA ASN E 218 -8.04 44.89 -5.77
CA ASP E 219 -4.69 46.64 -4.93
CA PHE E 220 -3.40 43.23 -3.94
CA SER E 221 -0.65 41.21 -5.55
CA VAL E 222 1.77 38.37 -5.01
CA ARG E 223 5.21 37.47 -6.32
CA LEU E 224 8.16 35.06 -6.48
CA LEU E 225 6.54 31.73 -7.30
CA ARG E 226 7.36 28.83 -4.98
CA ASP E 227 6.53 25.30 -3.85
CA THR E 228 4.04 25.10 -1.00
CA THR E 229 4.31 23.27 2.33
CA HIS E 230 0.54 22.62 2.38
CA ILE E 231 0.75 19.29 0.56
#